data_4F70
#
_entry.id   4F70
#
_cell.length_a   71.487
_cell.length_b   71.847
_cell.length_c   171.042
_cell.angle_alpha   90.00
_cell.angle_beta   90.00
_cell.angle_gamma   90.00
#
_symmetry.space_group_name_H-M   'P 21 21 21'
#
loop_
_entity.id
_entity.type
_entity.pdbx_description
1 polymer 'Cyclin-dependent kinase 8'
2 polymer Cyclin-C
3 non-polymer 1-[3-tert-butyl-1-(4-methylphenyl)-1H-pyrazol-5-yl]-3-[2-(morpholin-4-yl)ethyl]urea
4 non-polymer 1,2-ETHANEDIOL
5 water water
#
loop_
_entity_poly.entity_id
_entity_poly.type
_entity_poly.pdbx_seq_one_letter_code
_entity_poly.pdbx_strand_id
1 'polypeptide(L)'
;DKMDYDFKVKLSSERERVEDLFEYEGCKVGRGTYGHVYKAKRKDGKDDKDYALKQIEGTGISMSACREIALLRELKHPNV
ISLQKVFLSHADRKVWLLFDYAEHDLWHIIKFHRASKANKKPVQLPRGMVKSLLYQILDGIHYLHANWVLHRDLKPANIL
VMGEGPERGRVKIADMGFARLFNSPLKPLADLDPVVVTFWYRAPELLLGARHYTKAIDIWAIGCIFAELLTSEPIFHCRQ
EDIKTSNPYHHDQLDRIFNVMGFPADKDWEDIKKMPEHSTLMKDFRRNTYTNCSLIKYMEKHKVKPDSKAFHLLQKLLTM
DPIKRITSEQAMQDPYFLEDPLPTSDVFAGCQIPYPKREFLTEEEPDDKGDKKNQQQQQGNNHTNGTGHPGNQDSSHTQG
PPLKK
;
A
2 'polypeptide(L)'
;DDKAMAGNFWQSSHYLQWILDKQDLLKERQKDLKFLSEEEYWKLQIFFTNVIQALGEHLKLRQQVIATATVYFKRFYARY
SLKSIDPVLMAPTCVFLASKVEEFGVVSNTRLIAAATSVLKTRFSYAFPKEFPYRMNHILECEFYLLELMDCCLIVYHPY
RPLLQYVQDMGQEDMLLPLAWRIVNDTYRTDLCLLYPPFMIALACLHVACVVQQKDARQWFAELSVDMEKILEIIRVILK
LYEQWKNFDERKEMATILSKMPKPKPPPNSEGEQGPNGSQNSSYSQS
;
B
#
# COMPACT_ATOMS: atom_id res chain seq x y z
N LYS A 2 0.40 1.96 31.88
CA LYS A 2 0.06 0.63 32.48
C LYS A 2 0.23 -0.51 31.46
N MET A 3 1.46 -1.02 31.39
CA MET A 3 1.82 -2.12 30.48
C MET A 3 2.52 -3.22 31.27
N ASP A 4 2.25 -4.48 30.90
CA ASP A 4 2.75 -5.63 31.66
C ASP A 4 4.27 -5.78 31.50
N TYR A 5 4.95 -5.92 32.64
CA TYR A 5 6.42 -5.94 32.69
C TYR A 5 7.02 -7.18 32.03
N ASP A 6 6.43 -8.34 32.30
CA ASP A 6 6.88 -9.62 31.74
C ASP A 6 6.78 -9.61 30.22
N PHE A 7 5.64 -9.12 29.72
CA PHE A 7 5.43 -8.90 28.28
C PHE A 7 6.45 -7.89 27.71
N LYS A 8 6.73 -6.83 28.46
CA LYS A 8 7.68 -5.80 28.02
C LYS A 8 9.11 -6.33 27.89
N VAL A 9 9.60 -7.01 28.93
CA VAL A 9 10.97 -7.55 28.93
C VAL A 9 11.16 -8.75 27.98
N LYS A 10 10.10 -9.55 27.80
CA LYS A 10 10.15 -10.69 26.87
C LYS A 10 10.32 -10.23 25.43
N LEU A 11 9.54 -9.23 25.01
CA LEU A 11 9.68 -8.68 23.65
C LEU A 11 11.01 -7.95 23.46
N SER A 12 11.36 -7.09 24.41
CA SER A 12 12.63 -6.36 24.38
C SER A 12 13.86 -7.30 24.29
N SER A 13 13.79 -8.43 24.98
CA SER A 13 14.81 -9.48 24.89
C SER A 13 14.90 -10.05 23.47
N GLU A 14 13.74 -10.42 22.92
CA GLU A 14 13.66 -11.11 21.63
C GLU A 14 13.83 -10.20 20.40
N ARG A 15 13.61 -8.91 20.57
CA ARG A 15 13.52 -7.96 19.45
C ARG A 15 14.85 -7.79 18.73
N GLU A 16 14.90 -8.22 17.46
CA GLU A 16 16.07 -8.02 16.61
C GLU A 16 16.32 -6.54 16.39
N ARG A 17 17.51 -6.07 16.79
CA ARG A 17 17.92 -4.67 16.62
C ARG A 17 18.82 -4.58 15.39
N VAL A 18 18.61 -3.54 14.58
CA VAL A 18 19.31 -3.40 13.29
C VAL A 18 20.83 -3.26 13.44
N GLU A 19 21.28 -2.53 14.47
CA GLU A 19 22.70 -2.35 14.77
C GLU A 19 23.42 -3.68 15.07
N ASP A 20 22.71 -4.63 15.69
CA ASP A 20 23.25 -5.95 16.02
C ASP A 20 23.31 -6.88 14.80
N LEU A 21 22.25 -6.88 13.99
CA LEU A 21 22.17 -7.79 12.82
C LEU A 21 23.06 -7.39 11.64
N PHE A 22 23.21 -6.09 11.40
CA PHE A 22 23.83 -5.59 10.17
C PHE A 22 25.00 -4.63 10.40
N GLU A 23 25.99 -4.71 9.49
CA GLU A 23 27.16 -3.82 9.48
C GLU A 23 26.96 -2.81 8.36
N TYR A 24 26.78 -1.53 8.74
CA TYR A 24 26.54 -0.45 7.78
C TYR A 24 27.22 0.90 8.15
N GLU A 25 28.17 0.87 9.09
CA GLU A 25 28.74 2.10 9.66
C GLU A 25 29.62 2.83 8.63
N GLY A 26 29.15 3.99 8.20
CA GLY A 26 29.81 4.76 7.14
C GLY A 26 29.74 4.08 5.79
N CYS A 27 28.52 3.69 5.40
CA CYS A 27 28.26 3.11 4.06
C CYS A 27 27.07 3.82 3.40
N LYS A 28 26.93 5.11 3.64
CA LYS A 28 25.72 5.84 3.25
C LYS A 28 25.70 6.03 1.72
N VAL A 29 24.87 5.23 1.05
CA VAL A 29 24.75 5.23 -0.42
C VAL A 29 23.97 6.45 -0.96
N GLY A 30 22.98 6.92 -0.21
CA GLY A 30 22.19 8.08 -0.64
C GLY A 30 21.48 8.78 0.49
N ARG A 31 21.32 10.10 0.35
CA ARG A 31 20.48 10.91 1.23
C ARG A 31 19.45 11.65 0.37
N GLY A 32 18.26 11.85 0.92
CA GLY A 32 17.19 12.55 0.20
C GLY A 32 15.98 12.83 1.06
N THR A 33 14.86 13.13 0.42
CA THR A 33 13.57 13.32 1.09
C THR A 33 13.25 12.10 1.94
N TYR A 34 13.27 10.93 1.29
CA TYR A 34 13.07 9.62 1.93
C TYR A 34 13.77 9.39 3.27
N GLY A 35 15.02 9.84 3.36
CA GLY A 35 15.87 9.59 4.54
C GLY A 35 17.28 9.27 4.11
N HIS A 36 17.89 8.27 4.76
CA HIS A 36 19.27 7.85 4.47
C HIS A 36 19.28 6.37 4.11
N VAL A 37 20.03 6.02 3.07
CA VAL A 37 20.16 4.64 2.58
C VAL A 37 21.60 4.16 2.74
N TYR A 38 21.76 2.95 3.26
CA TYR A 38 23.06 2.37 3.56
C TYR A 38 23.23 1.03 2.84
N LYS A 39 24.44 0.79 2.31
CA LYS A 39 24.81 -0.53 1.80
C LYS A 39 25.27 -1.35 3.01
N ALA A 40 24.58 -2.46 3.28
CA ALA A 40 24.78 -3.22 4.51
C ALA A 40 25.22 -4.65 4.25
N LYS A 41 25.68 -5.31 5.31
CA LYS A 41 26.03 -6.74 5.27
C LYS A 41 25.70 -7.36 6.63
N ARG A 42 25.25 -8.62 6.62
CA ARG A 42 24.96 -9.36 7.86
C ARG A 42 26.25 -9.59 8.67
N LYS A 43 26.23 -9.22 9.94
CA LYS A 43 27.39 -9.42 10.85
C LYS A 43 27.59 -10.90 11.16
N ASP A 44 26.51 -11.56 11.60
CA ASP A 44 26.48 -13.01 11.77
C ASP A 44 26.45 -13.66 10.38
N GLY A 45 27.65 -13.91 9.83
CA GLY A 45 27.83 -14.20 8.40
C GLY A 45 27.26 -15.49 7.86
N LYS A 46 25.93 -15.58 7.83
CA LYS A 46 25.20 -16.66 7.15
C LYS A 46 24.59 -16.14 5.84
N ASP A 47 25.30 -15.20 5.20
CA ASP A 47 24.81 -14.41 4.05
C ASP A 47 25.94 -13.46 3.66
N ASP A 48 26.30 -13.43 2.37
CA ASP A 48 27.32 -12.48 1.88
C ASP A 48 26.83 -11.56 0.74
N LYS A 49 25.51 -11.50 0.55
CA LYS A 49 24.91 -10.53 -0.36
C LYS A 49 24.81 -9.17 0.32
N ASP A 50 24.95 -8.11 -0.48
CA ASP A 50 24.75 -6.75 0.02
C ASP A 50 23.24 -6.49 0.13
N TYR A 51 22.84 -5.73 1.15
CA TYR A 51 21.46 -5.31 1.33
C TYR A 51 21.38 -3.79 1.41
N ALA A 52 20.35 -3.21 0.79
CA ALA A 52 20.04 -1.79 0.96
C ALA A 52 19.22 -1.63 2.23
N LEU A 53 19.62 -0.69 3.08
CA LEU A 53 19.05 -0.52 4.41
C LEU A 53 18.65 0.94 4.59
N LYS A 54 17.34 1.21 4.61
CA LYS A 54 16.79 2.56 4.62
C LYS A 54 16.29 2.96 6.00
N GLN A 55 16.90 3.98 6.60
CA GLN A 55 16.32 4.65 7.77
C GLN A 55 15.43 5.76 7.23
N ILE A 56 14.18 5.79 7.70
CA ILE A 56 13.18 6.72 7.17
C ILE A 56 13.36 8.10 7.80
N GLU A 57 13.17 9.14 6.99
CA GLU A 57 13.23 10.53 7.46
C GLU A 57 12.11 10.80 8.47
N GLY A 58 12.47 11.47 9.57
CA GLY A 58 11.52 11.78 10.64
C GLY A 58 11.55 10.76 11.76
N THR A 59 10.60 10.89 12.68
CA THR A 59 10.44 9.99 13.82
C THR A 59 9.08 9.32 13.73
N GLY A 60 8.96 8.15 14.35
CA GLY A 60 7.69 7.45 14.50
C GLY A 60 7.12 6.93 13.20
N ILE A 61 5.87 6.47 13.27
CA ILE A 61 5.16 5.95 12.11
C ILE A 61 4.50 7.15 11.44
N SER A 62 5.26 7.80 10.57
CA SER A 62 4.80 8.90 9.73
C SER A 62 3.72 8.45 8.74
N MET A 63 3.03 9.41 8.15
CA MET A 63 2.06 9.13 7.09
C MET A 63 2.73 8.47 5.90
N SER A 64 3.81 9.09 5.43
CA SER A 64 4.68 8.53 4.39
C SER A 64 5.14 7.11 4.78
N ALA A 65 5.74 6.99 5.97
CA ALA A 65 6.24 5.70 6.48
C ALA A 65 5.17 4.62 6.56
N CYS A 66 3.95 5.02 6.93
CA CYS A 66 2.84 4.09 7.07
C CYS A 66 2.36 3.52 5.74
N ARG A 67 2.36 4.34 4.68
CA ARG A 67 1.98 3.90 3.33
C ARG A 67 3.01 2.97 2.70
N GLU A 68 4.29 3.37 2.78
CA GLU A 68 5.41 2.57 2.25
C GLU A 68 5.41 1.16 2.81
N ILE A 69 5.30 1.07 4.13
CA ILE A 69 5.24 -0.23 4.82
C ILE A 69 4.00 -1.01 4.39
N ALA A 70 2.84 -0.37 4.44
CA ALA A 70 1.57 -1.00 4.06
C ALA A 70 1.60 -1.62 2.66
N LEU A 71 2.02 -0.83 1.67
CA LEU A 71 2.01 -1.28 0.25
C LEU A 71 3.06 -2.34 -0.04
N LEU A 72 4.31 -2.06 0.31
CA LEU A 72 5.44 -2.97 0.02
C LEU A 72 5.32 -4.33 0.71
N ARG A 73 4.63 -4.36 1.85
CA ARG A 73 4.36 -5.62 2.56
C ARG A 73 3.42 -6.59 1.81
N GLU A 74 2.62 -6.06 0.89
CA GLU A 74 1.73 -6.88 0.04
C GLU A 74 2.32 -7.16 -1.34
N LEU A 75 3.14 -6.25 -1.85
CA LEU A 75 3.67 -6.36 -3.20
C LEU A 75 4.73 -7.45 -3.33
N LYS A 76 4.64 -8.23 -4.41
CA LYS A 76 5.66 -9.23 -4.76
C LYS A 76 5.69 -9.42 -6.28
N HIS A 77 6.75 -8.93 -6.92
CA HIS A 77 6.95 -9.09 -8.37
C HIS A 77 8.44 -8.88 -8.69
N PRO A 78 9.02 -9.68 -9.62
CA PRO A 78 10.48 -9.65 -9.81
C PRO A 78 11.06 -8.30 -10.28
N ASN A 79 10.26 -7.51 -11.00
CA ASN A 79 10.64 -6.16 -11.45
C ASN A 79 10.23 -5.00 -10.54
N VAL A 80 9.77 -5.31 -9.33
CA VAL A 80 9.47 -4.30 -8.30
C VAL A 80 10.31 -4.62 -7.09
N ILE A 81 10.89 -3.58 -6.48
CA ILE A 81 11.76 -3.71 -5.31
C ILE A 81 11.05 -4.45 -4.17
N SER A 82 11.80 -5.27 -3.43
CA SER A 82 11.22 -6.17 -2.43
C SER A 82 11.64 -5.79 -1.02
N LEU A 83 10.66 -5.66 -0.12
CA LEU A 83 10.92 -5.39 1.29
C LEU A 83 11.19 -6.70 2.02
N GLN A 84 12.39 -6.82 2.59
CA GLN A 84 12.81 -8.04 3.30
C GLN A 84 12.35 -8.02 4.76
N LYS A 85 12.65 -6.93 5.47
CA LYS A 85 12.35 -6.79 6.91
C LYS A 85 12.08 -5.34 7.31
N VAL A 86 11.33 -5.16 8.41
CA VAL A 86 11.09 -3.86 9.02
C VAL A 86 11.59 -3.89 10.46
N PHE A 87 12.48 -2.96 10.83
CA PHE A 87 12.91 -2.80 12.23
C PHE A 87 12.28 -1.55 12.83
N LEU A 88 11.60 -1.72 13.96
CA LEU A 88 11.12 -0.61 14.77
C LEU A 88 12.06 -0.44 15.96
N SER A 89 12.87 0.61 15.92
CA SER A 89 13.83 0.92 17.00
C SER A 89 13.10 1.74 18.07
N HIS A 90 12.81 1.08 19.20
CA HIS A 90 11.96 1.67 20.25
C HIS A 90 12.56 2.89 20.95
N ALA A 91 13.87 2.88 21.16
CA ALA A 91 14.58 3.97 21.86
C ALA A 91 14.35 5.33 21.19
N ASP A 92 14.82 5.46 19.95
CA ASP A 92 14.74 6.71 19.18
C ASP A 92 13.48 6.81 18.28
N ARG A 93 12.64 5.76 18.27
CA ARG A 93 11.43 5.68 17.42
C ARG A 93 11.71 5.86 15.91
N LYS A 94 12.87 5.40 15.45
CA LYS A 94 13.22 5.38 14.03
C LYS A 94 12.83 4.03 13.41
N VAL A 95 12.40 4.07 12.15
CA VAL A 95 11.98 2.88 11.40
C VAL A 95 13.04 2.54 10.34
N TRP A 96 13.47 1.29 10.30
CA TRP A 96 14.42 0.83 9.28
C TRP A 96 13.75 -0.15 8.32
N LEU A 97 14.05 -0.02 7.03
CA LEU A 97 13.52 -0.91 5.99
C LEU A 97 14.66 -1.60 5.23
N LEU A 98 14.64 -2.93 5.24
CA LEU A 98 15.66 -3.72 4.55
C LEU A 98 15.17 -4.13 3.17
N PHE A 99 16.00 -3.86 2.15
CA PHE A 99 15.75 -4.27 0.77
C PHE A 99 16.98 -5.01 0.25
N ASP A 100 16.82 -5.75 -0.85
CA ASP A 100 17.99 -6.26 -1.59
C ASP A 100 18.70 -5.08 -2.23
N TYR A 101 20.00 -5.22 -2.40
CA TYR A 101 20.84 -4.13 -2.89
C TYR A 101 20.93 -4.13 -4.40
N ALA A 102 20.57 -3.00 -5.00
CA ALA A 102 20.73 -2.78 -6.43
C ALA A 102 21.99 -1.96 -6.64
N GLU A 103 22.96 -2.54 -7.34
CA GLU A 103 24.24 -1.89 -7.61
C GLU A 103 24.07 -0.67 -8.52
N HIS A 104 23.26 -0.82 -9.56
CA HIS A 104 23.13 0.19 -10.61
C HIS A 104 21.74 0.78 -10.71
N ASP A 105 21.63 1.85 -11.50
CA ASP A 105 20.34 2.38 -11.93
C ASP A 105 20.50 3.11 -13.27
N LEU A 106 19.38 3.47 -13.87
CA LEU A 106 19.39 4.09 -15.21
C LEU A 106 19.96 5.51 -15.24
N TRP A 107 19.91 6.22 -14.13
CA TRP A 107 20.52 7.56 -14.04
C TRP A 107 22.03 7.49 -14.29
N HIS A 108 22.69 6.56 -13.60
CA HIS A 108 24.15 6.36 -13.75
C HIS A 108 24.51 5.69 -15.08
N ILE A 109 23.77 4.64 -15.45
CA ILE A 109 23.99 3.94 -16.73
C ILE A 109 23.93 4.90 -17.92
N ILE A 110 22.91 5.76 -17.96
CA ILE A 110 22.76 6.72 -19.06
C ILE A 110 23.89 7.76 -19.02
N LYS A 111 24.12 8.34 -17.84
CA LYS A 111 25.21 9.32 -17.65
C LYS A 111 26.59 8.78 -18.07
N PHE A 112 26.83 7.49 -17.84
CA PHE A 112 28.06 6.81 -18.24
C PHE A 112 28.21 6.78 -19.77
N HIS A 113 27.15 6.37 -20.46
CA HIS A 113 27.10 6.42 -21.94
C HIS A 113 27.13 7.87 -22.49
N ARG A 114 26.55 8.80 -21.74
CA ARG A 114 26.58 10.23 -22.07
C ARG A 114 28.01 10.76 -21.98
N ALA A 115 28.75 10.32 -20.97
CA ALA A 115 30.18 10.63 -20.81
C ALA A 115 31.05 9.95 -21.87
N SER A 116 30.65 8.74 -22.28
CA SER A 116 31.39 7.96 -23.30
C SER A 116 31.46 8.61 -24.69
N LYS A 117 30.60 9.59 -24.98
CA LYS A 117 30.68 10.39 -26.20
C LYS A 117 31.98 11.21 -26.26
N ALA A 118 32.13 12.14 -25.31
CA ALA A 118 33.35 12.98 -25.21
C ALA A 118 34.41 12.30 -24.36
N LEU A 125 24.89 2.67 -26.62
CA LEU A 125 23.97 1.98 -25.71
C LEU A 125 23.30 0.80 -26.43
N PRO A 126 23.77 -0.46 -26.18
CA PRO A 126 23.28 -1.65 -26.94
C PRO A 126 21.75 -1.85 -26.96
N ARG A 127 21.19 -2.15 -28.12
CA ARG A 127 19.74 -2.20 -28.33
C ARG A 127 19.03 -3.46 -27.79
N GLY A 128 19.78 -4.55 -27.62
CA GLY A 128 19.29 -5.70 -26.84
C GLY A 128 19.03 -5.33 -25.39
N MET A 129 19.92 -4.51 -24.83
CA MET A 129 19.80 -3.99 -23.48
C MET A 129 18.60 -3.04 -23.35
N VAL A 130 18.45 -2.13 -24.32
CA VAL A 130 17.35 -1.13 -24.34
C VAL A 130 15.98 -1.79 -24.31
N LYS A 131 15.77 -2.74 -25.22
CA LYS A 131 14.53 -3.51 -25.30
C LYS A 131 14.26 -4.28 -24.00
N SER A 132 15.29 -4.94 -23.47
CA SER A 132 15.18 -5.64 -22.19
C SER A 132 14.84 -4.71 -21.02
N LEU A 133 15.50 -3.54 -20.97
CA LEU A 133 15.21 -2.52 -19.96
C LEU A 133 13.76 -2.10 -20.02
N LEU A 134 13.33 -1.67 -21.21
CA LEU A 134 11.94 -1.24 -21.44
C LEU A 134 10.93 -2.33 -21.08
N TYR A 135 11.20 -3.57 -21.48
CA TYR A 135 10.25 -4.66 -21.23
C TYR A 135 10.04 -4.88 -19.73
N GLN A 136 11.13 -4.92 -18.98
CA GLN A 136 11.07 -5.16 -17.53
C GLN A 136 10.43 -4.01 -16.76
N ILE A 137 10.65 -2.78 -17.24
CA ILE A 137 9.95 -1.60 -16.71
C ILE A 137 8.42 -1.74 -16.93
N LEU A 138 8.03 -2.09 -18.16
CA LEU A 138 6.60 -2.29 -18.49
C LEU A 138 5.97 -3.46 -17.73
N ASP A 139 6.76 -4.49 -17.44
CA ASP A 139 6.29 -5.66 -16.70
C ASP A 139 6.02 -5.28 -15.23
N GLY A 140 6.94 -4.50 -14.65
CA GLY A 140 6.81 -4.05 -13.27
C GLY A 140 5.65 -3.09 -13.04
N ILE A 141 5.44 -2.17 -13.98
CA ILE A 141 4.34 -1.19 -13.87
C ILE A 141 2.98 -1.85 -14.08
N HIS A 142 2.89 -2.74 -15.07
CA HIS A 142 1.66 -3.51 -15.32
C HIS A 142 1.19 -4.24 -14.07
N TYR A 143 2.14 -4.83 -13.34
CA TYR A 143 1.87 -5.45 -12.04
C TYR A 143 1.27 -4.45 -11.04
N LEU A 144 1.89 -3.27 -10.93
CA LEU A 144 1.43 -2.24 -9.97
C LEU A 144 0.06 -1.68 -10.39
N HIS A 145 -0.04 -1.33 -11.67
CA HIS A 145 -1.29 -0.79 -12.25
C HIS A 145 -2.45 -1.76 -12.13
N ALA A 146 -2.19 -3.05 -12.33
CA ALA A 146 -3.19 -4.10 -12.09
C ALA A 146 -3.72 -4.07 -10.66
N ASN A 147 -2.82 -3.86 -9.69
CA ASN A 147 -3.19 -3.72 -8.28
C ASN A 147 -3.61 -2.29 -7.86
N TRP A 148 -3.93 -1.43 -8.84
CA TRP A 148 -4.31 -0.03 -8.60
C TRP A 148 -3.28 0.76 -7.77
N VAL A 149 -2.00 0.50 -8.03
CA VAL A 149 -0.90 1.22 -7.41
C VAL A 149 -0.24 2.03 -8.51
N LEU A 150 -0.27 3.35 -8.37
CA LEU A 150 0.44 4.26 -9.29
C LEU A 150 1.80 4.61 -8.71
N HIS A 151 2.76 4.88 -9.58
CA HIS A 151 4.12 5.26 -9.16
C HIS A 151 4.20 6.74 -8.84
N ARG A 152 3.68 7.56 -9.75
CA ARG A 152 3.58 9.03 -9.62
C ARG A 152 4.88 9.85 -9.78
N ASP A 153 6.02 9.19 -9.98
CA ASP A 153 7.31 9.87 -10.14
C ASP A 153 8.35 8.95 -10.80
N LEU A 154 8.00 8.42 -11.97
CA LEU A 154 8.92 7.58 -12.74
C LEU A 154 10.02 8.40 -13.43
N LYS A 155 11.25 7.92 -13.29
CA LYS A 155 12.43 8.57 -13.87
C LYS A 155 13.62 7.63 -13.72
N PRO A 156 14.68 7.81 -14.55
CA PRO A 156 15.87 6.93 -14.53
C PRO A 156 16.41 6.55 -13.15
N ALA A 157 16.55 7.52 -12.26
CA ALA A 157 17.06 7.28 -10.90
C ALA A 157 16.21 6.29 -10.09
N ASN A 158 14.91 6.24 -10.34
CA ASN A 158 14.01 5.28 -9.69
C ASN A 158 13.95 3.89 -10.36
N ILE A 159 14.60 3.73 -11.52
CA ILE A 159 14.69 2.45 -12.21
C ILE A 159 16.05 1.82 -11.88
N LEU A 160 16.07 0.98 -10.85
CA LEU A 160 17.29 0.31 -10.41
C LEU A 160 17.55 -0.93 -11.26
N VAL A 161 18.82 -1.35 -11.31
CA VAL A 161 19.24 -2.57 -12.01
C VAL A 161 20.24 -3.32 -11.13
N MET A 162 19.98 -4.61 -10.93
CA MET A 162 20.80 -5.44 -10.05
C MET A 162 22.16 -5.73 -10.68
N GLY A 163 23.19 -5.74 -9.84
CA GLY A 163 24.55 -6.09 -10.26
C GLY A 163 24.79 -7.58 -10.16
N GLU A 164 26.05 -7.96 -9.95
CA GLU A 164 26.44 -9.37 -9.91
C GLU A 164 25.78 -10.12 -8.74
N GLY A 165 25.32 -11.34 -9.02
CA GLY A 165 24.51 -12.13 -8.07
C GLY A 165 23.52 -13.01 -8.80
N PRO A 166 22.61 -13.67 -8.05
CA PRO A 166 21.60 -14.53 -8.67
C PRO A 166 20.50 -13.79 -9.47
N GLU A 167 20.38 -12.46 -9.29
CA GLU A 167 19.44 -11.64 -10.07
C GLU A 167 20.20 -10.71 -11.04
N ARG A 168 21.26 -11.23 -11.65
CA ARG A 168 22.17 -10.44 -12.51
C ARG A 168 21.42 -9.71 -13.63
N GLY A 169 21.47 -8.38 -13.60
CA GLY A 169 20.87 -7.53 -14.63
C GLY A 169 19.34 -7.54 -14.71
N ARG A 170 18.68 -7.70 -13.58
CA ARG A 170 17.22 -7.59 -13.51
C ARG A 170 16.86 -6.17 -13.09
N VAL A 171 15.86 -5.58 -13.75
CA VAL A 171 15.37 -4.24 -13.40
C VAL A 171 14.52 -4.34 -12.13
N LYS A 172 14.66 -3.35 -11.26
CA LYS A 172 13.90 -3.26 -10.01
C LYS A 172 13.34 -1.85 -9.88
N ILE A 173 12.02 -1.70 -10.05
CA ILE A 173 11.36 -0.40 -9.91
C ILE A 173 11.35 -0.02 -8.44
N ALA A 174 11.90 1.15 -8.13
CA ALA A 174 11.98 1.69 -6.78
C ALA A 174 11.29 3.06 -6.74
N ASP A 175 11.32 3.71 -5.58
CA ASP A 175 10.73 5.04 -5.42
C ASP A 175 11.41 5.81 -4.26
N MET A 176 12.13 6.88 -4.60
CA MET A 176 12.76 7.76 -3.61
C MET A 176 11.81 8.90 -3.23
N VAL A 197 13.79 18.33 -8.21
CA VAL A 197 12.89 19.32 -8.79
C VAL A 197 13.16 19.47 -10.30
N THR A 198 12.74 18.47 -11.07
CA THR A 198 12.73 18.51 -12.54
C THR A 198 11.38 18.00 -13.07
N PHE A 199 10.89 18.64 -14.12
CA PHE A 199 9.60 18.29 -14.72
C PHE A 199 9.79 17.60 -16.08
N TRP A 200 10.92 16.91 -16.27
CA TRP A 200 11.27 16.35 -17.59
C TRP A 200 10.44 15.12 -17.98
N TYR A 201 9.98 14.37 -16.98
CA TYR A 201 9.24 13.12 -17.17
C TYR A 201 7.77 13.27 -16.81
N ARG A 202 7.32 14.52 -16.60
CA ARG A 202 5.97 14.80 -16.15
C ARG A 202 5.09 15.03 -17.38
N ALA A 203 3.93 14.36 -17.43
CA ALA A 203 3.01 14.42 -18.58
C ALA A 203 2.36 15.81 -18.75
N PRO A 204 2.03 16.20 -20.00
CA PRO A 204 1.47 17.54 -20.28
C PRO A 204 0.16 17.91 -19.54
N GLU A 205 -0.67 16.92 -19.19
CA GLU A 205 -1.89 17.22 -18.43
C GLU A 205 -1.60 17.71 -17.02
N LEU A 206 -0.58 17.15 -16.37
CA LEU A 206 -0.13 17.64 -15.05
C LEU A 206 0.40 19.06 -15.14
N LEU A 207 1.14 19.35 -16.21
CA LEU A 207 1.60 20.71 -16.49
C LEU A 207 0.44 21.68 -16.77
N LEU A 208 -0.67 21.18 -17.30
CA LEU A 208 -1.89 21.98 -17.49
C LEU A 208 -2.88 21.87 -16.31
N GLY A 209 -2.40 21.33 -15.18
CA GLY A 209 -3.11 21.39 -13.91
C GLY A 209 -4.12 20.29 -13.68
N ALA A 210 -3.81 19.08 -14.13
CA ALA A 210 -4.65 17.91 -13.85
C ALA A 210 -4.73 17.71 -12.35
N ARG A 211 -5.96 17.52 -11.85
CA ARG A 211 -6.19 17.35 -10.42
C ARG A 211 -5.68 16.01 -9.86
N HIS A 212 -5.72 14.95 -10.66
CA HIS A 212 -5.40 13.58 -10.19
C HIS A 212 -4.30 12.90 -11.00
N TYR A 213 -3.57 12.00 -10.33
CA TYR A 213 -2.60 11.11 -10.96
C TYR A 213 -3.30 9.93 -11.63
N THR A 214 -2.70 9.41 -12.69
CA THR A 214 -3.31 8.36 -13.50
C THR A 214 -2.28 7.33 -13.96
N LYS A 215 -2.79 6.19 -14.45
CA LYS A 215 -1.95 5.17 -15.07
C LYS A 215 -1.27 5.72 -16.33
N ALA A 216 -2.01 6.52 -17.11
CA ALA A 216 -1.47 7.19 -18.30
C ALA A 216 -0.25 8.06 -17.97
N ILE A 217 -0.30 8.80 -16.85
CA ILE A 217 0.82 9.64 -16.40
C ILE A 217 2.11 8.84 -16.21
N ASP A 218 1.99 7.64 -15.65
CA ASP A 218 3.13 6.71 -15.57
C ASP A 218 3.65 6.28 -16.96
N ILE A 219 2.74 6.05 -17.91
CA ILE A 219 3.13 5.58 -19.25
C ILE A 219 3.92 6.63 -20.03
N TRP A 220 3.51 7.90 -19.91
CA TRP A 220 4.25 9.02 -20.52
C TRP A 220 5.70 9.05 -20.02
N ALA A 221 5.88 8.92 -18.72
CA ALA A 221 7.22 8.88 -18.11
C ALA A 221 8.07 7.72 -18.63
N ILE A 222 7.42 6.57 -18.87
CA ILE A 222 8.11 5.42 -19.46
C ILE A 222 8.53 5.73 -20.90
N GLY A 223 7.68 6.46 -21.63
CA GLY A 223 8.01 6.93 -22.97
C GLY A 223 9.23 7.85 -23.01
N CYS A 224 9.27 8.80 -22.09
CA CYS A 224 10.43 9.69 -21.91
C CYS A 224 11.73 8.92 -21.63
N ILE A 225 11.63 7.90 -20.79
CA ILE A 225 12.78 7.06 -20.43
C ILE A 225 13.26 6.28 -21.65
N PHE A 226 12.33 5.65 -22.36
CA PHE A 226 12.64 4.89 -23.58
C PHE A 226 13.27 5.77 -24.68
N ALA A 227 12.82 7.02 -24.79
CA ALA A 227 13.47 8.01 -25.66
C ALA A 227 14.90 8.31 -25.19
N GLU A 228 15.07 8.42 -23.87
CA GLU A 228 16.38 8.68 -23.28
C GLU A 228 17.33 7.48 -23.45
N LEU A 229 16.81 6.26 -23.36
CA LEU A 229 17.63 5.06 -23.57
C LEU A 229 18.18 4.97 -25.00
N LEU A 230 17.37 5.36 -25.98
CA LEU A 230 17.76 5.33 -27.39
C LEU A 230 18.78 6.41 -27.76
N THR A 231 18.60 7.62 -27.22
CA THR A 231 19.40 8.79 -27.60
C THR A 231 20.52 9.15 -26.62
N SER A 232 20.41 8.67 -25.37
CA SER A 232 21.26 9.11 -24.24
C SER A 232 21.05 10.58 -23.84
N GLU A 233 19.93 11.18 -24.30
CA GLU A 233 19.58 12.57 -24.03
C GLU A 233 18.15 12.61 -23.50
N PRO A 234 17.89 13.33 -22.37
CA PRO A 234 16.50 13.50 -21.93
C PRO A 234 15.65 14.26 -22.97
N ILE A 235 14.72 13.56 -23.59
CA ILE A 235 13.90 14.10 -24.68
C ILE A 235 13.24 15.47 -24.40
N PHE A 236 12.85 15.72 -23.15
CA PHE A 236 12.24 17.02 -22.78
C PHE A 236 13.07 17.79 -21.73
N HIS A 237 14.39 17.83 -21.94
CA HIS A 237 15.32 18.54 -21.06
C HIS A 237 15.00 20.03 -20.96
N CYS A 238 15.23 20.63 -19.79
CA CYS A 238 14.73 21.96 -19.49
C CYS A 238 15.50 22.65 -18.33
N ARG A 239 14.89 23.70 -17.76
CA ARG A 239 15.37 24.36 -16.54
C ARG A 239 16.74 25.00 -16.71
N ASN A 247 2.43 26.26 -7.85
CA ASN A 247 1.46 26.12 -8.93
C ASN A 247 1.84 24.99 -9.92
N PRO A 248 0.84 24.39 -10.60
CA PRO A 248 1.11 23.28 -11.52
C PRO A 248 1.71 23.70 -12.87
N TYR A 249 1.38 24.90 -13.33
CA TYR A 249 1.77 25.38 -14.67
C TYR A 249 3.26 25.68 -14.74
N HIS A 250 3.91 25.24 -15.82
CA HIS A 250 5.34 25.46 -16.06
C HIS A 250 5.57 25.71 -17.56
N HIS A 251 5.69 26.99 -17.93
CA HIS A 251 5.74 27.44 -19.33
C HIS A 251 6.88 26.84 -20.15
N ASP A 252 8.11 27.00 -19.67
CA ASP A 252 9.29 26.55 -20.43
C ASP A 252 9.35 25.04 -20.63
N GLN A 253 8.83 24.27 -19.68
CA GLN A 253 8.73 22.82 -19.83
C GLN A 253 7.73 22.44 -20.94
N LEU A 254 6.59 23.14 -20.98
CA LEU A 254 5.63 22.98 -22.08
C LEU A 254 6.24 23.38 -23.43
N ASP A 255 7.01 24.46 -23.46
CA ASP A 255 7.67 24.94 -24.69
C ASP A 255 8.61 23.88 -25.28
N ARG A 256 9.31 23.16 -24.41
CA ARG A 256 10.20 22.07 -24.82
C ARG A 256 9.43 20.88 -25.42
N ILE A 257 8.33 20.51 -24.79
CA ILE A 257 7.48 19.42 -25.30
C ILE A 257 6.99 19.77 -26.72
N PHE A 258 6.48 20.98 -26.91
CA PHE A 258 6.03 21.42 -28.24
C PHE A 258 7.18 21.54 -29.25
N ASN A 259 8.38 21.92 -28.79
CA ASN A 259 9.58 21.96 -29.66
C ASN A 259 9.95 20.58 -30.21
N VAL A 260 9.65 19.54 -29.45
CA VAL A 260 9.95 18.16 -29.83
C VAL A 260 8.75 17.53 -30.53
N MET A 261 7.60 17.53 -29.84
CA MET A 261 6.39 16.86 -30.32
C MET A 261 5.61 17.65 -31.39
N GLY A 262 5.61 18.98 -31.26
CA GLY A 262 4.72 19.84 -32.05
C GLY A 262 3.49 20.17 -31.23
N PHE A 263 2.86 21.29 -31.53
CA PHE A 263 1.65 21.74 -30.83
C PHE A 263 0.48 20.85 -31.26
N PRO A 264 -0.31 20.31 -30.30
CA PRO A 264 -1.32 19.32 -30.64
C PRO A 264 -2.57 19.93 -31.26
N ALA A 265 -3.09 19.27 -32.31
CA ALA A 265 -4.36 19.68 -32.94
C ALA A 265 -5.54 19.45 -32.01
N ASP A 266 -6.62 20.20 -32.23
CA ASP A 266 -7.89 19.97 -31.52
C ASP A 266 -8.32 18.50 -31.68
N LYS A 267 -8.17 17.97 -32.89
CA LYS A 267 -8.45 16.56 -33.19
C LYS A 267 -7.56 15.59 -32.40
N ASP A 268 -6.29 15.93 -32.20
CA ASP A 268 -5.34 15.09 -31.44
C ASP A 268 -5.67 14.96 -29.94
N TRP A 269 -6.20 16.03 -29.35
CA TRP A 269 -6.52 16.07 -27.92
C TRP A 269 -7.73 17.00 -27.71
N GLU A 270 -8.92 16.42 -27.75
CA GLU A 270 -10.18 17.19 -27.71
C GLU A 270 -10.43 17.79 -26.33
N ASP A 271 -10.30 16.98 -25.29
CA ASP A 271 -10.54 17.44 -23.91
C ASP A 271 -9.43 18.32 -23.31
N ILE A 272 -8.44 18.73 -24.11
CA ILE A 272 -7.48 19.76 -23.69
C ILE A 272 -8.19 21.03 -23.21
N LYS A 273 -9.29 21.38 -23.87
CA LYS A 273 -10.16 22.50 -23.49
C LYS A 273 -10.64 22.45 -22.03
N LYS A 274 -10.89 21.23 -21.53
CA LYS A 274 -11.32 20.98 -20.15
C LYS A 274 -10.20 21.04 -19.10
N MET A 275 -8.93 21.16 -19.53
CA MET A 275 -7.81 21.32 -18.58
C MET A 275 -7.89 22.71 -17.93
N PRO A 276 -7.68 22.80 -16.59
CA PRO A 276 -7.77 24.09 -15.91
C PRO A 276 -6.87 25.21 -16.43
N GLU A 277 -5.73 24.87 -17.03
CA GLU A 277 -4.77 25.87 -17.53
C GLU A 277 -4.81 26.06 -19.06
N HIS A 278 -5.93 25.70 -19.69
CA HIS A 278 -6.04 25.81 -21.15
C HIS A 278 -6.04 27.27 -21.63
N SER A 279 -6.73 28.15 -20.92
CA SER A 279 -6.76 29.57 -21.30
C SER A 279 -5.39 30.23 -21.18
N THR A 280 -4.63 29.83 -20.15
CA THR A 280 -3.24 30.27 -19.97
C THR A 280 -2.31 29.75 -21.08
N LEU A 281 -2.53 28.52 -21.52
CA LEU A 281 -1.80 27.93 -22.65
C LEU A 281 -2.04 28.73 -23.92
N MET A 282 -3.33 28.98 -24.21
CA MET A 282 -3.72 29.76 -25.40
C MET A 282 -3.23 31.21 -25.34
N LYS A 283 -3.15 31.76 -24.13
CA LYS A 283 -2.57 33.11 -23.90
C LYS A 283 -1.09 33.14 -24.27
N ASP A 284 -0.33 32.16 -23.79
CA ASP A 284 1.14 32.15 -23.92
C ASP A 284 1.69 31.53 -25.21
N PHE A 285 0.93 30.64 -25.86
CA PHE A 285 1.44 29.83 -26.98
C PHE A 285 0.63 29.97 -28.26
N ARG A 286 1.33 29.77 -29.39
CA ARG A 286 0.72 29.82 -30.73
C ARG A 286 1.22 28.64 -31.57
N ARG A 287 0.29 27.79 -32.01
CA ARG A 287 0.53 26.66 -32.92
C ARG A 287 1.58 26.91 -34.01
N ASN A 288 1.45 28.04 -34.68
CA ASN A 288 2.36 28.49 -35.74
C ASN A 288 3.86 28.39 -35.38
N THR A 289 4.18 28.65 -34.12
CA THR A 289 5.54 28.53 -33.59
C THR A 289 6.18 27.16 -33.83
N TYR A 290 5.39 26.09 -33.73
CA TYR A 290 5.90 24.71 -33.79
C TYR A 290 5.44 23.97 -35.05
N THR A 291 5.48 24.66 -36.19
CA THR A 291 4.97 24.10 -37.46
C THR A 291 5.86 23.01 -38.04
N ASN A 292 7.18 23.19 -37.95
CA ASN A 292 8.14 22.20 -38.48
C ASN A 292 8.63 21.20 -37.41
N CYS A 293 7.78 20.91 -36.41
CA CYS A 293 8.14 20.11 -35.25
C CYS A 293 7.38 18.79 -35.19
N SER A 294 8.11 17.69 -35.03
CA SER A 294 7.49 16.39 -34.82
C SER A 294 8.48 15.41 -34.18
N LEU A 295 7.93 14.37 -33.55
CA LEU A 295 8.74 13.31 -32.95
C LEU A 295 9.56 12.59 -34.01
N ILE A 296 9.00 12.45 -35.22
CA ILE A 296 9.73 11.89 -36.36
C ILE A 296 10.98 12.72 -36.63
N LYS A 297 10.79 14.03 -36.82
CA LYS A 297 11.90 14.95 -37.09
C LYS A 297 12.93 14.99 -35.96
N TYR A 298 12.49 14.88 -34.71
CA TYR A 298 13.41 14.84 -33.56
C TYR A 298 14.27 13.58 -33.55
N MET A 299 13.64 12.41 -33.69
CA MET A 299 14.34 11.13 -33.60
C MET A 299 15.25 10.84 -34.80
N GLU A 300 14.98 11.46 -35.95
CA GLU A 300 15.91 11.46 -37.09
C GLU A 300 17.23 12.18 -36.75
N LYS A 301 17.14 13.32 -36.05
CA LYS A 301 18.32 14.07 -35.60
C LYS A 301 19.22 13.30 -34.63
N HIS A 302 18.64 12.38 -33.86
CA HIS A 302 19.40 11.51 -32.94
C HIS A 302 19.56 10.06 -33.47
N LYS A 303 19.54 9.92 -34.80
CA LYS A 303 19.86 8.66 -35.50
C LYS A 303 19.01 7.44 -35.10
N VAL A 304 17.68 7.60 -35.18
CA VAL A 304 16.69 6.53 -34.96
C VAL A 304 15.69 6.56 -36.12
N LYS A 305 15.57 5.45 -36.84
CA LYS A 305 14.73 5.39 -38.04
C LYS A 305 13.23 5.47 -37.68
N PRO A 306 12.46 6.31 -38.39
CA PRO A 306 11.03 6.48 -38.06
C PRO A 306 10.13 5.32 -38.47
N ASP A 307 10.63 4.47 -39.37
CA ASP A 307 9.92 3.28 -39.81
C ASP A 307 10.37 1.99 -39.10
N SER A 308 11.03 2.14 -37.94
CA SER A 308 11.42 1.00 -37.08
C SER A 308 10.31 0.69 -36.07
N LYS A 309 10.22 -0.56 -35.66
CA LYS A 309 9.24 -0.98 -34.65
C LYS A 309 9.44 -0.27 -33.30
N ALA A 310 10.69 0.06 -32.98
CA ALA A 310 11.04 0.82 -31.77
C ALA A 310 10.44 2.24 -31.72
N PHE A 311 10.45 2.94 -32.86
CA PHE A 311 9.88 4.28 -32.94
C PHE A 311 8.35 4.27 -32.83
N HIS A 312 7.71 3.35 -33.53
CA HIS A 312 6.24 3.26 -33.53
C HIS A 312 5.65 2.96 -32.15
N LEU A 313 6.38 2.18 -31.35
CA LEU A 313 6.03 1.96 -29.95
C LEU A 313 6.24 3.22 -29.11
N LEU A 314 7.38 3.90 -29.31
CA LEU A 314 7.68 5.15 -28.61
C LEU A 314 6.60 6.21 -28.84
N GLN A 315 6.17 6.34 -30.09
CA GLN A 315 5.12 7.29 -30.47
C GLN A 315 3.77 6.97 -29.78
N LYS A 316 3.47 5.67 -29.66
CA LYS A 316 2.27 5.21 -28.93
C LYS A 316 2.35 5.44 -27.43
N LEU A 317 3.56 5.35 -26.86
CA LEU A 317 3.79 5.72 -25.45
C LEU A 317 3.75 7.24 -25.24
N LEU A 318 4.46 7.99 -26.09
CA LEU A 318 4.45 9.47 -26.04
C LEU A 318 3.32 10.05 -26.89
N THR A 319 2.09 9.81 -26.44
CA THR A 319 0.90 10.45 -27.02
C THR A 319 0.48 11.57 -26.07
N MET A 320 0.05 12.69 -26.64
CA MET A 320 -0.26 13.90 -25.87
C MET A 320 -1.53 13.71 -25.03
N ASP A 321 -2.59 13.22 -25.68
CA ASP A 321 -3.86 12.95 -25.00
C ASP A 321 -3.66 11.72 -24.12
N PRO A 322 -3.91 11.85 -22.79
CA PRO A 322 -3.78 10.68 -21.91
C PRO A 322 -4.63 9.46 -22.30
N ILE A 323 -5.85 9.70 -22.80
CA ILE A 323 -6.74 8.60 -23.21
C ILE A 323 -6.37 7.98 -24.57
N LYS A 324 -5.42 8.57 -25.30
CA LYS A 324 -4.87 7.97 -26.53
C LYS A 324 -3.52 7.24 -26.36
N ARG A 325 -2.97 7.24 -25.14
CA ARG A 325 -1.79 6.43 -24.84
C ARG A 325 -2.19 4.99 -24.63
N ILE A 326 -1.43 4.08 -25.23
CA ILE A 326 -1.58 2.65 -24.94
C ILE A 326 -1.24 2.35 -23.48
N THR A 327 -1.78 1.25 -22.99
CA THR A 327 -1.54 0.78 -21.63
C THR A 327 -0.26 -0.06 -21.57
N SER A 328 0.22 -0.28 -20.35
CA SER A 328 1.44 -1.07 -20.13
C SER A 328 1.30 -2.51 -20.62
N GLU A 329 0.13 -3.11 -20.42
CA GLU A 329 -0.16 -4.43 -20.99
C GLU A 329 -0.10 -4.44 -22.53
N GLN A 330 -0.73 -3.44 -23.16
CA GLN A 330 -0.71 -3.30 -24.62
C GLN A 330 0.70 -3.08 -25.17
N ALA A 331 1.50 -2.31 -24.45
CA ALA A 331 2.91 -2.06 -24.80
C ALA A 331 3.76 -3.34 -24.78
N MET A 332 3.58 -4.18 -23.76
CA MET A 332 4.24 -5.50 -23.70
C MET A 332 3.86 -6.40 -24.88
N GLN A 333 2.62 -6.27 -25.36
CA GLN A 333 2.14 -7.01 -26.53
C GLN A 333 2.58 -6.41 -27.89
N ASP A 334 3.45 -5.40 -27.89
CA ASP A 334 3.90 -4.77 -29.15
C ASP A 334 4.86 -5.71 -29.91
N PRO A 335 4.74 -5.78 -31.26
CA PRO A 335 5.64 -6.63 -32.05
C PRO A 335 7.14 -6.29 -31.94
N TYR A 336 7.46 -5.08 -31.50
CA TYR A 336 8.83 -4.69 -31.13
C TYR A 336 9.58 -5.75 -30.29
N PHE A 337 8.87 -6.39 -29.35
CA PHE A 337 9.46 -7.43 -28.49
C PHE A 337 9.49 -8.83 -29.11
N LEU A 338 8.92 -8.98 -30.30
CA LEU A 338 9.07 -10.20 -31.11
C LEU A 338 10.15 -10.08 -32.18
N GLU A 339 10.54 -8.84 -32.50
CA GLU A 339 11.62 -8.56 -33.45
C GLU A 339 12.96 -8.93 -32.85
N ASP A 340 13.91 -9.28 -33.72
CA ASP A 340 15.27 -9.59 -33.28
C ASP A 340 15.97 -8.30 -32.89
N PRO A 341 16.71 -8.28 -31.77
CA PRO A 341 16.94 -9.33 -30.76
C PRO A 341 15.83 -9.38 -29.74
N LEU A 342 15.52 -10.57 -29.24
CA LEU A 342 14.52 -10.71 -28.17
C LEU A 342 15.05 -10.18 -26.84
N PRO A 343 14.14 -9.71 -25.96
CA PRO A 343 14.57 -9.22 -24.65
C PRO A 343 14.97 -10.37 -23.74
N THR A 344 15.84 -10.08 -22.78
CA THR A 344 16.44 -11.10 -21.90
C THR A 344 16.27 -10.74 -20.43
N SER A 345 16.23 -11.77 -19.58
CA SER A 345 16.05 -11.62 -18.12
C SER A 345 17.22 -10.86 -17.52
N ASP A 346 18.42 -11.29 -17.92
CA ASP A 346 19.64 -10.51 -17.69
C ASP A 346 19.68 -9.44 -18.78
N VAL A 347 19.49 -8.20 -18.35
CA VAL A 347 19.57 -7.04 -19.24
C VAL A 347 20.96 -6.93 -19.87
N PHE A 348 22.01 -7.28 -19.11
CA PHE A 348 23.40 -7.23 -19.59
C PHE A 348 23.80 -8.37 -20.53
N ALA A 349 22.93 -9.39 -20.66
CA ALA A 349 23.12 -10.51 -21.60
C ALA A 349 24.38 -11.35 -21.34
N GLY A 350 24.74 -11.49 -20.05
CA GLY A 350 25.91 -12.27 -19.65
C GLY A 350 27.28 -11.64 -19.88
N CYS A 351 27.31 -10.40 -20.36
CA CYS A 351 28.58 -9.68 -20.60
C CYS A 351 29.19 -9.20 -19.30
N GLN A 352 30.46 -8.82 -19.35
CA GLN A 352 31.10 -8.09 -18.25
C GLN A 352 30.46 -6.69 -18.16
N ILE A 353 30.17 -6.26 -16.94
CA ILE A 353 29.45 -5.00 -16.68
C ILE A 353 30.46 -3.85 -16.56
N PRO A 354 30.44 -2.89 -17.52
CA PRO A 354 31.42 -1.80 -17.48
C PRO A 354 31.12 -0.65 -16.50
N TYR A 355 29.94 -0.67 -15.87
CA TYR A 355 29.48 0.46 -15.05
C TYR A 355 30.06 0.37 -13.62
N PRO A 356 30.52 1.50 -13.06
CA PRO A 356 31.16 1.48 -11.75
C PRO A 356 30.16 1.31 -10.60
N LYS A 357 30.62 0.67 -9.52
CA LYS A 357 29.80 0.45 -8.33
C LYS A 357 29.51 1.76 -7.60
N ARG A 358 28.59 1.71 -6.63
CA ARG A 358 28.15 2.92 -5.92
C ARG A 358 29.22 3.44 -4.97
N GLU A 359 29.53 4.73 -5.09
CA GLU A 359 30.39 5.41 -4.14
C GLU A 359 29.63 5.72 -2.84
N PHE A 360 30.30 5.57 -1.70
CA PHE A 360 29.72 5.91 -0.40
C PHE A 360 29.73 7.43 -0.20
N LEU A 361 28.84 7.92 0.66
CA LEU A 361 28.73 9.35 1.02
C LEU A 361 29.00 9.57 2.50
N LYS B 3 -9.11 0.85 -3.00
CA LYS B 3 -8.92 0.38 -4.42
C LYS B 3 -7.56 -0.32 -4.65
N ALA B 4 -6.52 0.19 -4.01
CA ALA B 4 -5.18 -0.44 -4.04
C ALA B 4 -5.21 -1.87 -3.49
N MET B 5 -4.62 -2.81 -4.25
CA MET B 5 -4.59 -4.25 -3.94
C MET B 5 -5.96 -4.92 -3.93
N ALA B 6 -6.92 -4.37 -4.67
CA ALA B 6 -8.31 -4.82 -4.61
C ALA B 6 -8.47 -6.34 -4.83
N GLY B 7 -7.90 -6.82 -5.93
CA GLY B 7 -8.02 -8.23 -6.32
C GLY B 7 -6.77 -9.04 -6.04
N ASN B 8 -6.17 -8.84 -4.87
CA ASN B 8 -4.93 -9.51 -4.47
C ASN B 8 -5.08 -10.41 -3.23
N PHE B 9 -6.33 -10.65 -2.79
CA PHE B 9 -6.58 -11.33 -1.50
C PHE B 9 -5.86 -12.67 -1.38
N TRP B 10 -5.88 -13.48 -2.42
CA TRP B 10 -5.28 -14.83 -2.36
C TRP B 10 -3.74 -14.84 -2.34
N GLN B 11 -3.12 -13.70 -2.64
CA GLN B 11 -1.67 -13.50 -2.47
C GLN B 11 -1.32 -12.59 -1.28
N SER B 12 -2.33 -12.03 -0.62
CA SER B 12 -2.14 -11.02 0.42
C SER B 12 -1.68 -11.60 1.75
N SER B 13 -1.16 -10.73 2.61
CA SER B 13 -0.72 -11.12 3.95
C SER B 13 -1.89 -11.44 4.88
N HIS B 14 -3.04 -10.79 4.65
CA HIS B 14 -4.30 -11.12 5.33
C HIS B 14 -4.54 -12.62 5.19
N TYR B 15 -4.61 -13.09 3.95
CA TYR B 15 -4.98 -14.48 3.68
C TYR B 15 -3.92 -15.46 4.15
N LEU B 16 -2.67 -15.19 3.80
CA LEU B 16 -1.56 -16.12 4.05
C LEU B 16 -1.13 -16.20 5.53
N GLN B 17 -1.35 -15.13 6.31
CA GLN B 17 -0.95 -15.09 7.73
C GLN B 17 -2.04 -14.83 8.77
N TRP B 18 -3.11 -14.14 8.39
CA TRP B 18 -4.14 -13.69 9.35
C TRP B 18 -5.53 -14.31 9.15
N ILE B 19 -5.59 -15.44 8.45
CA ILE B 19 -6.71 -16.37 8.55
C ILE B 19 -6.20 -17.49 9.46
N LEU B 20 -6.67 -17.49 10.70
CA LEU B 20 -6.12 -18.35 11.74
C LEU B 20 -6.96 -19.62 11.89
N ASP B 21 -6.32 -20.69 12.39
CA ASP B 21 -7.04 -21.90 12.78
C ASP B 21 -7.75 -21.64 14.11
N LYS B 22 -8.99 -22.11 14.20
CA LYS B 22 -9.84 -21.89 15.37
C LYS B 22 -9.28 -22.58 16.63
N GLN B 23 -8.75 -23.79 16.46
CA GLN B 23 -8.13 -24.53 17.57
C GLN B 23 -6.84 -23.86 18.08
N ASP B 24 -6.04 -23.30 17.18
CA ASP B 24 -4.90 -22.44 17.56
C ASP B 24 -5.37 -21.19 18.34
N LEU B 25 -6.47 -20.60 17.90
CA LEU B 25 -7.02 -19.38 18.52
C LEU B 25 -7.54 -19.65 19.95
N LEU B 26 -8.33 -20.71 20.10
CA LEU B 26 -8.91 -21.05 21.41
C LEU B 26 -7.85 -21.49 22.43
N LYS B 27 -6.81 -22.19 21.96
CA LYS B 27 -5.69 -22.62 22.82
C LYS B 27 -4.95 -21.43 23.46
N GLU B 28 -4.72 -20.37 22.69
CA GLU B 28 -4.10 -19.14 23.20
C GLU B 28 -5.03 -18.36 24.14
N ARG B 29 -6.34 -18.49 23.93
CA ARG B 29 -7.35 -17.83 24.77
C ARG B 29 -7.45 -18.42 26.18
N GLN B 30 -7.03 -19.67 26.35
CA GLN B 30 -7.08 -20.35 27.67
C GLN B 30 -6.29 -19.63 28.76
N LYS B 31 -5.28 -18.83 28.37
CA LYS B 31 -4.58 -17.92 29.28
C LYS B 31 -5.56 -16.98 29.99
N ASP B 32 -6.34 -16.25 29.19
CA ASP B 32 -7.31 -15.29 29.72
C ASP B 32 -8.53 -15.95 30.38
N LEU B 33 -8.91 -17.15 29.94
CA LEU B 33 -10.07 -17.87 30.49
C LEU B 33 -9.90 -18.40 31.92
N LYS B 34 -8.68 -18.35 32.46
CA LYS B 34 -8.47 -18.56 33.89
C LYS B 34 -9.21 -17.50 34.72
N PHE B 35 -9.12 -16.25 34.27
CA PHE B 35 -9.73 -15.09 34.96
C PHE B 35 -11.17 -14.80 34.53
N LEU B 36 -11.54 -15.23 33.32
CA LEU B 36 -12.85 -14.93 32.72
C LEU B 36 -13.56 -16.17 32.20
N SER B 37 -14.88 -16.10 32.15
CA SER B 37 -15.71 -17.13 31.52
C SER B 37 -15.60 -17.01 30.00
N GLU B 38 -15.95 -18.08 29.30
CA GLU B 38 -16.08 -18.05 27.83
C GLU B 38 -17.13 -17.01 27.43
N GLU B 39 -18.25 -17.02 28.13
CA GLU B 39 -19.32 -16.03 27.97
C GLU B 39 -18.80 -14.60 28.19
N GLU B 40 -18.02 -14.40 29.24
CA GLU B 40 -17.52 -13.07 29.61
C GLU B 40 -16.47 -12.52 28.65
N TYR B 41 -15.62 -13.41 28.12
CA TYR B 41 -14.62 -13.02 27.11
C TYR B 41 -15.29 -12.51 25.83
N TRP B 42 -16.36 -13.18 25.41
CA TRP B 42 -17.17 -12.75 24.25
C TRP B 42 -17.83 -11.39 24.50
N LYS B 43 -18.30 -11.16 25.72
CA LYS B 43 -18.91 -9.89 26.10
C LYS B 43 -17.89 -8.73 26.12
N LEU B 44 -16.63 -9.02 26.43
CA LEU B 44 -15.55 -8.04 26.26
C LEU B 44 -15.35 -7.68 24.78
N GLN B 45 -15.29 -8.70 23.91
CA GLN B 45 -15.16 -8.48 22.47
C GLN B 45 -16.23 -7.54 21.93
N ILE B 46 -17.48 -7.81 22.31
CA ILE B 46 -18.62 -6.99 21.90
C ILE B 46 -18.47 -5.57 22.43
N PHE B 47 -18.09 -5.45 23.70
CA PHE B 47 -17.91 -4.14 24.34
C PHE B 47 -16.90 -3.28 23.61
N PHE B 48 -15.69 -3.83 23.41
CA PHE B 48 -14.61 -3.08 22.74
C PHE B 48 -14.83 -2.89 21.23
N THR B 49 -15.67 -3.73 20.63
CA THR B 49 -16.17 -3.49 19.27
C THR B 49 -17.03 -2.21 19.23
N ASN B 50 -17.88 -2.03 20.25
CA ASN B 50 -18.71 -0.83 20.38
C ASN B 50 -17.87 0.43 20.68
N VAL B 51 -16.86 0.28 21.54
CA VAL B 51 -15.94 1.40 21.87
C VAL B 51 -15.21 1.92 20.63
N ILE B 52 -14.67 1.00 19.83
CA ILE B 52 -13.94 1.37 18.61
C ILE B 52 -14.89 2.02 17.60
N GLN B 53 -16.11 1.48 17.48
CA GLN B 53 -17.15 2.07 16.63
C GLN B 53 -17.48 3.50 17.07
N ALA B 54 -17.66 3.68 18.38
CA ALA B 54 -17.95 5.00 18.95
C ALA B 54 -16.84 6.01 18.71
N LEU B 55 -15.58 5.57 18.77
CA LEU B 55 -14.42 6.42 18.51
C LEU B 55 -14.36 6.90 17.06
N GLY B 56 -14.57 5.97 16.13
CA GLY B 56 -14.62 6.27 14.70
C GLY B 56 -15.76 7.19 14.30
N GLU B 57 -16.91 7.03 14.95
CA GLU B 57 -18.06 7.92 14.74
C GLU B 57 -17.77 9.35 15.23
N HIS B 58 -17.20 9.46 16.42
CA HIS B 58 -16.78 10.76 16.99
C HIS B 58 -15.75 11.49 16.11
N LEU B 59 -14.88 10.72 15.45
CA LEU B 59 -13.85 11.28 14.57
C LEU B 59 -14.30 11.37 13.09
N LYS B 60 -15.60 11.18 12.85
CA LYS B 60 -16.20 11.26 11.51
C LYS B 60 -15.49 10.39 10.46
N LEU B 61 -15.01 9.22 10.89
CA LEU B 61 -14.29 8.30 10.00
C LEU B 61 -15.26 7.36 9.28
N ARG B 62 -14.84 6.92 8.11
CA ARG B 62 -15.64 6.04 7.26
C ARG B 62 -15.67 4.62 7.85
N GLN B 63 -16.72 3.88 7.55
CA GLN B 63 -16.97 2.54 8.13
C GLN B 63 -15.85 1.52 7.83
N GLN B 64 -15.19 1.66 6.68
CA GLN B 64 -14.06 0.77 6.33
C GLN B 64 -12.83 1.03 7.20
N VAL B 65 -12.62 2.30 7.58
CA VAL B 65 -11.52 2.67 8.49
C VAL B 65 -11.76 2.08 9.87
N ILE B 66 -13.02 2.09 10.30
CA ILE B 66 -13.44 1.50 11.58
C ILE B 66 -13.24 -0.02 11.60
N ALA B 67 -13.62 -0.69 10.50
CA ALA B 67 -13.45 -2.14 10.39
C ALA B 67 -11.99 -2.56 10.48
N THR B 68 -11.12 -1.89 9.73
CA THR B 68 -9.68 -2.12 9.77
C THR B 68 -9.12 -2.00 11.19
N ALA B 69 -9.53 -0.96 11.91
CA ALA B 69 -9.12 -0.74 13.30
C ALA B 69 -9.58 -1.87 14.21
N THR B 70 -10.81 -2.34 14.01
CA THR B 70 -11.37 -3.45 14.77
C THR B 70 -10.61 -4.77 14.53
N VAL B 71 -10.15 -4.98 13.30
CA VAL B 71 -9.35 -6.17 12.97
C VAL B 71 -7.99 -6.11 13.68
N TYR B 72 -7.32 -4.96 13.62
CA TYR B 72 -6.04 -4.75 14.31
C TYR B 72 -6.14 -5.08 15.80
N PHE B 73 -7.21 -4.59 16.43
CA PHE B 73 -7.51 -4.87 17.83
C PHE B 73 -7.67 -6.38 18.05
N LYS B 74 -8.55 -7.00 17.25
CA LYS B 74 -8.78 -8.44 17.31
C LYS B 74 -7.52 -9.27 17.12
N ARG B 75 -6.72 -8.91 16.12
CA ARG B 75 -5.45 -9.59 15.84
C ARG B 75 -4.48 -9.54 17.03
N PHE B 76 -4.40 -8.37 17.69
CA PHE B 76 -3.46 -8.19 18.79
C PHE B 76 -3.78 -9.15 19.92
N TYR B 77 -5.02 -9.10 20.40
CA TYR B 77 -5.47 -9.95 21.51
C TYR B 77 -5.82 -11.40 21.10
N ALA B 78 -5.81 -11.71 19.81
CA ALA B 78 -5.93 -13.10 19.34
C ALA B 78 -4.74 -13.94 19.81
N ARG B 79 -3.55 -13.34 19.78
CA ARG B 79 -2.32 -13.99 20.24
C ARG B 79 -1.93 -13.59 21.66
N TYR B 80 -2.11 -12.32 22.02
CA TYR B 80 -1.66 -11.80 23.32
C TYR B 80 -2.77 -11.61 24.36
N SER B 81 -2.35 -11.57 25.63
CA SER B 81 -3.28 -11.50 26.75
C SER B 81 -3.88 -10.11 26.89
N LEU B 82 -5.03 -10.03 27.56
CA LEU B 82 -5.63 -8.74 27.92
C LEU B 82 -4.80 -7.94 28.94
N LYS B 83 -3.96 -8.62 29.72
CA LYS B 83 -3.05 -7.95 30.67
C LYS B 83 -1.89 -7.22 29.98
N SER B 84 -1.47 -7.68 28.80
CA SER B 84 -0.24 -7.21 28.15
C SER B 84 -0.24 -5.71 27.87
N ILE B 85 -1.27 -5.24 27.17
CA ILE B 85 -1.54 -3.80 27.02
C ILE B 85 -3.03 -3.57 27.34
N ASP B 86 -3.32 -2.46 28.02
CA ASP B 86 -4.70 -2.09 28.37
C ASP B 86 -5.52 -1.90 27.09
N PRO B 87 -6.64 -2.63 26.92
CA PRO B 87 -7.48 -2.39 25.73
C PRO B 87 -8.07 -0.99 25.59
N VAL B 88 -8.18 -0.25 26.70
CA VAL B 88 -8.57 1.17 26.66
C VAL B 88 -7.51 2.01 25.94
N LEU B 89 -6.24 1.64 26.07
CA LEU B 89 -5.16 2.27 25.29
C LEU B 89 -5.12 1.75 23.85
N MET B 90 -5.32 0.46 23.67
CA MET B 90 -5.20 -0.20 22.36
C MET B 90 -6.29 0.24 21.37
N ALA B 91 -7.52 0.43 21.87
CA ALA B 91 -8.66 0.80 21.03
C ALA B 91 -8.45 2.09 20.21
N PRO B 92 -8.15 3.23 20.87
CA PRO B 92 -7.85 4.45 20.10
C PRO B 92 -6.54 4.39 19.30
N THR B 93 -5.56 3.63 19.79
CA THR B 93 -4.31 3.40 19.05
C THR B 93 -4.60 2.70 17.71
N CYS B 94 -5.49 1.70 17.75
CA CYS B 94 -5.91 0.98 16.54
C CYS B 94 -6.62 1.89 15.53
N VAL B 95 -7.48 2.79 16.02
CA VAL B 95 -8.15 3.78 15.17
C VAL B 95 -7.11 4.76 14.58
N PHE B 96 -6.17 5.21 15.40
CA PHE B 96 -5.09 6.12 14.98
C PHE B 96 -4.22 5.52 13.88
N LEU B 97 -3.84 4.24 14.03
CA LEU B 97 -3.03 3.55 13.02
C LEU B 97 -3.81 3.30 11.71
N ALA B 98 -5.04 2.82 11.83
CA ALA B 98 -5.91 2.57 10.68
C ALA B 98 -6.20 3.84 9.86
N SER B 99 -6.37 4.96 10.56
CA SER B 99 -6.64 6.25 9.92
C SER B 99 -5.52 6.70 8.98
N LYS B 100 -4.28 6.37 9.33
CA LYS B 100 -3.13 6.64 8.47
C LYS B 100 -3.12 5.72 7.26
N VAL B 101 -3.34 4.42 7.50
CA VAL B 101 -3.25 3.39 6.46
C VAL B 101 -4.28 3.63 5.35
N GLU B 102 -5.51 3.93 5.75
CA GLU B 102 -6.62 4.15 4.80
C GLU B 102 -6.62 5.55 4.16
N GLU B 103 -5.56 6.34 4.42
CA GLU B 103 -5.25 7.57 3.67
C GLU B 103 -6.24 8.74 3.86
N PHE B 104 -6.92 8.76 5.01
CA PHE B 104 -7.77 9.90 5.39
C PHE B 104 -6.87 11.04 5.93
N GLY B 105 -5.99 10.69 6.85
CA GLY B 105 -4.99 11.61 7.39
C GLY B 105 -4.48 11.23 8.77
N VAL B 106 -3.44 11.93 9.22
CA VAL B 106 -2.92 11.78 10.58
C VAL B 106 -3.84 12.58 11.50
N VAL B 107 -4.74 11.89 12.19
CA VAL B 107 -5.67 12.51 13.15
C VAL B 107 -4.85 13.27 14.20
N SER B 108 -5.21 14.52 14.46
CA SER B 108 -4.43 15.37 15.35
C SER B 108 -4.36 14.81 16.76
N ASN B 109 -3.24 15.09 17.44
CA ASN B 109 -3.00 14.60 18.80
C ASN B 109 -4.11 15.02 19.76
N THR B 110 -4.42 16.31 19.74
CA THR B 110 -5.53 16.88 20.51
C THR B 110 -6.86 16.24 20.14
N ARG B 111 -7.10 16.07 18.84
CA ARG B 111 -8.38 15.53 18.35
C ARG B 111 -8.60 14.07 18.79
N LEU B 112 -7.54 13.27 18.76
CA LEU B 112 -7.62 11.87 19.22
C LEU B 112 -7.87 11.77 20.72
N ILE B 113 -7.08 12.49 21.51
CA ILE B 113 -7.14 12.38 22.98
C ILE B 113 -8.44 12.98 23.52
N ALA B 114 -8.93 14.04 22.88
CA ALA B 114 -10.25 14.63 23.20
C ALA B 114 -11.37 13.65 22.88
N ALA B 115 -11.29 13.03 21.70
CA ALA B 115 -12.26 12.04 21.26
C ALA B 115 -12.30 10.82 22.19
N ALA B 116 -11.12 10.34 22.59
CA ALA B 116 -11.02 9.22 23.55
C ALA B 116 -11.56 9.58 24.92
N THR B 117 -11.30 10.81 25.37
CA THR B 117 -11.84 11.34 26.63
C THR B 117 -13.36 11.49 26.57
N SER B 118 -13.84 12.06 25.47
CA SER B 118 -15.25 12.44 25.31
C SER B 118 -16.18 11.24 25.15
N VAL B 119 -15.78 10.29 24.31
CA VAL B 119 -16.58 9.07 24.03
C VAL B 119 -16.78 8.22 25.30
N LEU B 120 -15.71 8.01 26.06
CA LEU B 120 -15.78 7.23 27.30
C LEU B 120 -16.57 7.96 28.40
N LYS B 121 -16.38 9.28 28.50
CA LYS B 121 -17.13 10.12 29.44
C LYS B 121 -18.63 10.12 29.12
N THR B 122 -18.96 10.34 27.84
CA THR B 122 -20.34 10.41 27.39
C THR B 122 -21.00 9.04 27.35
N ARG B 123 -20.49 8.16 26.48
CA ARG B 123 -21.20 6.96 26.06
C ARG B 123 -20.83 5.67 26.79
N PHE B 124 -19.83 5.71 27.68
CA PHE B 124 -19.38 4.53 28.43
C PHE B 124 -19.06 4.83 29.91
N SER B 125 -19.75 5.80 30.51
CA SER B 125 -19.56 6.13 31.93
C SER B 125 -20.01 5.01 32.89
N TYR B 126 -20.93 4.17 32.43
CA TYR B 126 -21.36 2.97 33.19
C TYR B 126 -20.26 1.95 33.45
N ALA B 127 -19.30 1.87 32.51
CA ALA B 127 -18.15 0.95 32.62
C ALA B 127 -16.96 1.64 33.26
N PHE B 128 -16.63 2.84 32.76
CA PHE B 128 -15.46 3.60 33.18
C PHE B 128 -15.85 4.81 34.03
N PRO B 129 -15.74 4.71 35.38
CA PRO B 129 -16.03 5.87 36.22
C PRO B 129 -14.96 6.96 36.13
N LYS B 130 -13.68 6.56 36.18
CA LYS B 130 -12.56 7.50 36.10
C LYS B 130 -12.33 8.00 34.67
N GLU B 131 -11.73 9.18 34.55
CA GLU B 131 -11.47 9.82 33.26
C GLU B 131 -10.36 9.08 32.50
N PHE B 132 -10.38 9.18 31.17
CA PHE B 132 -9.34 8.59 30.29
C PHE B 132 -7.92 9.05 30.66
N PRO B 133 -7.12 8.15 31.27
CA PRO B 133 -5.85 8.59 31.87
C PRO B 133 -4.69 8.80 30.90
N TYR B 134 -4.76 8.19 29.71
CA TYR B 134 -3.61 8.14 28.81
C TYR B 134 -3.45 9.44 28.02
N ARG B 135 -2.19 9.75 27.73
CA ARG B 135 -1.78 10.92 26.95
C ARG B 135 -1.19 10.44 25.63
N MET B 136 -0.86 11.37 24.75
CA MET B 136 -0.44 11.03 23.38
C MET B 136 0.85 10.20 23.28
N ASN B 137 1.76 10.40 24.22
CA ASN B 137 2.99 9.57 24.29
C ASN B 137 2.70 8.09 24.55
N HIS B 138 1.63 7.80 25.29
CA HIS B 138 1.17 6.41 25.49
C HIS B 138 0.64 5.79 24.20
N ILE B 139 -0.03 6.58 23.37
CA ILE B 139 -0.54 6.14 22.07
C ILE B 139 0.64 5.78 21.17
N LEU B 140 1.56 6.72 21.00
CA LEU B 140 2.72 6.54 20.12
C LEU B 140 3.60 5.34 20.49
N GLU B 141 3.71 5.04 21.79
CA GLU B 141 4.40 3.83 22.26
C GLU B 141 3.63 2.59 21.85
N CYS B 142 2.33 2.59 22.15
CA CYS B 142 1.44 1.46 21.83
C CYS B 142 1.38 1.15 20.34
N GLU B 143 1.43 2.19 19.51
CA GLU B 143 1.44 2.04 18.04
C GLU B 143 2.61 1.18 17.55
N PHE B 144 3.77 1.35 18.19
CA PHE B 144 4.97 0.55 17.88
C PHE B 144 4.80 -0.94 18.21
N TYR B 145 4.19 -1.23 19.36
CA TYR B 145 3.92 -2.62 19.76
C TYR B 145 2.90 -3.29 18.83
N LEU B 146 1.85 -2.54 18.49
CA LEU B 146 0.79 -3.02 17.58
C LEU B 146 1.32 -3.35 16.19
N LEU B 147 2.07 -2.41 15.62
CA LEU B 147 2.69 -2.57 14.31
C LEU B 147 3.63 -3.78 14.25
N GLU B 148 4.39 -3.99 15.33
CA GLU B 148 5.32 -5.11 15.45
C GLU B 148 4.59 -6.45 15.46
N LEU B 149 3.59 -6.59 16.32
CA LEU B 149 2.89 -7.87 16.45
C LEU B 149 2.14 -8.28 15.19
N MET B 150 1.51 -7.31 14.52
CA MET B 150 0.84 -7.59 13.25
C MET B 150 1.80 -7.92 12.09
N ASP B 151 3.12 -7.84 12.35
CA ASP B 151 4.16 -8.15 11.38
C ASP B 151 4.10 -7.18 10.19
N CYS B 152 3.81 -5.91 10.50
CA CYS B 152 3.60 -4.84 9.52
C CYS B 152 2.51 -5.11 8.47
N CYS B 153 1.56 -6.00 8.80
CA CYS B 153 0.45 -6.30 7.90
C CYS B 153 -0.64 -5.28 8.16
N LEU B 154 -0.72 -4.29 7.29
CA LEU B 154 -1.61 -3.14 7.48
C LEU B 154 -2.86 -3.19 6.59
N ILE B 155 -2.73 -3.72 5.37
CA ILE B 155 -3.86 -3.81 4.44
C ILE B 155 -4.79 -4.97 4.83
N VAL B 156 -6.06 -4.64 5.06
CA VAL B 156 -7.07 -5.60 5.51
C VAL B 156 -8.29 -5.53 4.60
N TYR B 157 -8.72 -6.70 4.13
CA TYR B 157 -9.87 -6.84 3.24
C TYR B 157 -11.11 -7.05 4.09
N HIS B 158 -12.21 -6.42 3.68
CA HIS B 158 -13.48 -6.46 4.42
C HIS B 158 -14.63 -6.92 3.51
N PRO B 159 -15.73 -7.45 4.11
CA PRO B 159 -16.85 -7.98 3.30
C PRO B 159 -17.72 -6.96 2.56
N TYR B 160 -17.53 -5.66 2.79
CA TYR B 160 -18.42 -4.62 2.24
C TYR B 160 -18.31 -4.54 0.71
N ARG B 161 -17.11 -4.75 0.18
CA ARG B 161 -16.90 -4.77 -1.28
C ARG B 161 -17.54 -5.99 -1.97
N PRO B 162 -17.18 -7.24 -1.57
CA PRO B 162 -17.85 -8.40 -2.21
C PRO B 162 -19.38 -8.43 -2.03
N LEU B 163 -19.87 -7.98 -0.87
CA LEU B 163 -21.31 -7.83 -0.65
C LEU B 163 -21.95 -6.96 -1.72
N LEU B 164 -21.36 -5.78 -1.93
CA LEU B 164 -21.84 -4.81 -2.92
C LEU B 164 -21.93 -5.41 -4.31
N GLN B 165 -20.89 -6.16 -4.70
CA GLN B 165 -20.86 -6.86 -5.98
C GLN B 165 -21.93 -7.94 -6.07
N TYR B 166 -22.14 -8.69 -4.99
CA TYR B 166 -23.15 -9.75 -4.97
C TYR B 166 -24.58 -9.22 -5.16
N VAL B 167 -24.96 -8.19 -4.41
CA VAL B 167 -26.33 -7.62 -4.51
C VAL B 167 -26.61 -6.92 -5.84
N GLN B 168 -25.57 -6.36 -6.45
CA GLN B 168 -25.68 -5.80 -7.81
C GLN B 168 -25.91 -6.91 -8.84
N ASP B 169 -25.27 -8.07 -8.65
CA ASP B 169 -25.50 -9.24 -9.51
C ASP B 169 -26.94 -9.75 -9.39
N MET B 170 -27.47 -9.76 -8.16
CA MET B 170 -28.88 -10.10 -7.91
C MET B 170 -29.85 -9.06 -8.48
N GLY B 171 -29.42 -7.80 -8.53
CA GLY B 171 -30.30 -6.69 -8.86
C GLY B 171 -31.26 -6.35 -7.71
N GLN B 172 -30.85 -6.67 -6.48
CA GLN B 172 -31.65 -6.41 -5.28
C GLN B 172 -30.86 -5.52 -4.32
N GLU B 173 -30.38 -4.40 -4.83
CA GLU B 173 -29.58 -3.46 -4.04
C GLU B 173 -30.46 -2.68 -3.05
N ASP B 174 -31.57 -2.13 -3.54
CA ASP B 174 -32.49 -1.34 -2.72
C ASP B 174 -33.18 -2.15 -1.61
N MET B 175 -33.59 -3.37 -1.93
CA MET B 175 -34.29 -4.23 -0.98
C MET B 175 -33.34 -4.81 0.10
N LEU B 176 -32.21 -5.37 -0.34
CA LEU B 176 -31.34 -6.19 0.53
C LEU B 176 -30.09 -5.50 1.10
N LEU B 177 -29.54 -4.51 0.40
CA LEU B 177 -28.22 -3.96 0.77
C LEU B 177 -28.17 -3.33 2.18
N PRO B 178 -29.17 -2.50 2.55
CA PRO B 178 -29.14 -1.89 3.89
C PRO B 178 -29.02 -2.90 5.03
N LEU B 179 -29.90 -3.90 5.06
CA LEU B 179 -29.89 -4.92 6.12
C LEU B 179 -28.62 -5.80 6.06
N ALA B 180 -28.28 -6.26 4.86
CA ALA B 180 -27.10 -7.12 4.67
C ALA B 180 -25.82 -6.42 5.13
N TRP B 181 -25.66 -5.16 4.72
CA TRP B 181 -24.58 -4.28 5.19
C TRP B 181 -24.59 -4.14 6.72
N ARG B 182 -25.79 -3.95 7.27
CA ARG B 182 -25.97 -3.88 8.71
C ARG B 182 -25.55 -5.19 9.44
N ILE B 183 -25.79 -6.35 8.81
CA ILE B 183 -25.40 -7.64 9.38
C ILE B 183 -23.88 -7.86 9.26
N VAL B 184 -23.26 -7.34 8.20
CA VAL B 184 -21.80 -7.35 8.08
C VAL B 184 -21.13 -6.60 9.24
N ASN B 185 -21.70 -5.46 9.63
CA ASN B 185 -21.23 -4.70 10.80
C ASN B 185 -21.28 -5.53 12.08
N ASP B 186 -22.35 -6.29 12.27
CA ASP B 186 -22.52 -7.11 13.47
C ASP B 186 -21.50 -8.26 13.58
N THR B 187 -21.05 -8.81 12.46
CA THR B 187 -20.08 -9.92 12.48
C THR B 187 -18.76 -9.54 13.14
N TYR B 188 -18.42 -8.26 13.14
CA TYR B 188 -17.24 -7.78 13.88
C TYR B 188 -17.34 -7.93 15.40
N ARG B 189 -18.53 -8.19 15.93
CA ARG B 189 -18.67 -8.64 17.32
C ARG B 189 -18.05 -10.03 17.55
N THR B 190 -18.08 -10.87 16.50
CA THR B 190 -17.61 -12.26 16.56
C THR B 190 -16.16 -12.44 16.09
N ASP B 191 -15.67 -13.68 16.15
CA ASP B 191 -14.36 -14.07 15.61
C ASP B 191 -14.31 -14.26 14.08
N LEU B 192 -15.45 -14.14 13.39
CA LEU B 192 -15.58 -14.54 11.98
C LEU B 192 -14.48 -14.01 11.03
N CYS B 193 -14.11 -12.75 11.16
CA CYS B 193 -13.14 -12.12 10.26
C CYS B 193 -11.70 -12.66 10.39
N LEU B 194 -11.38 -13.30 11.53
CA LEU B 194 -10.11 -14.02 11.70
C LEU B 194 -10.13 -15.45 11.16
N LEU B 195 -11.31 -15.97 10.81
CA LEU B 195 -11.49 -17.39 10.49
C LEU B 195 -11.94 -17.68 9.05
N TYR B 196 -12.52 -16.69 8.37
CA TYR B 196 -13.03 -16.88 7.01
C TYR B 196 -12.64 -15.70 6.10
N PRO B 197 -12.46 -15.96 4.79
CA PRO B 197 -12.29 -14.85 3.84
C PRO B 197 -13.49 -13.91 3.81
N PRO B 198 -13.26 -12.61 3.51
CA PRO B 198 -14.36 -11.63 3.51
C PRO B 198 -15.58 -11.97 2.63
N PHE B 199 -15.36 -12.52 1.44
CA PHE B 199 -16.47 -12.87 0.55
C PHE B 199 -17.41 -13.92 1.16
N MET B 200 -16.87 -14.84 1.97
CA MET B 200 -17.68 -15.92 2.58
C MET B 200 -18.61 -15.37 3.66
N ILE B 201 -18.10 -14.42 4.44
CA ILE B 201 -18.90 -13.67 5.41
C ILE B 201 -20.01 -12.88 4.71
N ALA B 202 -19.64 -12.17 3.64
CA ALA B 202 -20.59 -11.36 2.87
C ALA B 202 -21.78 -12.16 2.37
N LEU B 203 -21.51 -13.35 1.83
CA LEU B 203 -22.56 -14.26 1.35
C LEU B 203 -23.47 -14.74 2.48
N ALA B 204 -22.85 -15.05 3.63
CA ALA B 204 -23.61 -15.45 4.82
C ALA B 204 -24.57 -14.35 5.27
N CYS B 205 -24.06 -13.13 5.35
CA CYS B 205 -24.87 -11.94 5.68
C CYS B 205 -26.02 -11.71 4.72
N LEU B 206 -25.75 -11.91 3.42
CA LEU B 206 -26.75 -11.75 2.37
C LEU B 206 -27.86 -12.80 2.49
N HIS B 207 -27.48 -14.03 2.83
CA HIS B 207 -28.43 -15.11 3.05
C HIS B 207 -29.38 -14.82 4.23
N VAL B 208 -28.83 -14.32 5.33
CA VAL B 208 -29.64 -13.94 6.51
C VAL B 208 -30.57 -12.77 6.17
N ALA B 209 -30.10 -11.82 5.38
CA ALA B 209 -30.94 -10.70 4.90
C ALA B 209 -32.10 -11.19 4.02
N CYS B 210 -31.85 -12.25 3.25
CA CYS B 210 -32.89 -12.86 2.41
C CYS B 210 -33.95 -13.59 3.24
N VAL B 211 -33.48 -14.36 4.23
CA VAL B 211 -34.37 -15.10 5.15
C VAL B 211 -35.25 -14.13 5.94
N VAL B 212 -34.62 -13.06 6.46
CA VAL B 212 -35.32 -12.04 7.26
C VAL B 212 -36.42 -11.35 6.44
N GLN B 213 -36.08 -10.92 5.22
CA GLN B 213 -37.04 -10.23 4.34
C GLN B 213 -37.83 -11.17 3.42
N GLN B 214 -37.70 -12.48 3.63
CA GLN B 214 -38.48 -13.51 2.91
C GLN B 214 -38.32 -13.43 1.38
N LYS B 215 -37.09 -13.16 0.93
CA LYS B 215 -36.73 -13.21 -0.49
C LYS B 215 -36.18 -14.60 -0.79
N ASP B 216 -36.63 -15.20 -1.89
CA ASP B 216 -36.10 -16.48 -2.36
C ASP B 216 -34.89 -16.20 -3.24
N ALA B 217 -33.76 -16.85 -2.91
CA ALA B 217 -32.54 -16.77 -3.73
C ALA B 217 -31.77 -18.09 -3.81
N ARG B 218 -32.46 -19.23 -3.67
CA ARG B 218 -31.82 -20.55 -3.72
C ARG B 218 -31.19 -20.85 -5.08
N GLN B 219 -31.89 -20.46 -6.15
CA GLN B 219 -31.38 -20.62 -7.52
C GLN B 219 -30.10 -19.79 -7.72
N TRP B 220 -30.10 -18.58 -7.18
CA TRP B 220 -28.92 -17.71 -7.20
C TRP B 220 -27.76 -18.32 -6.39
N PHE B 221 -28.05 -18.72 -5.16
CA PHE B 221 -27.02 -19.28 -4.26
C PHE B 221 -26.47 -20.62 -4.75
N ALA B 222 -27.34 -21.50 -5.26
CA ALA B 222 -26.92 -22.80 -5.80
C ALA B 222 -25.96 -22.68 -7.00
N GLU B 223 -26.15 -21.62 -7.79
CA GLU B 223 -25.29 -21.33 -8.96
C GLU B 223 -23.84 -20.94 -8.62
N LEU B 224 -23.58 -20.49 -7.39
CA LEU B 224 -22.21 -20.10 -6.98
C LEU B 224 -21.30 -21.31 -6.74
N SER B 225 -20.02 -21.15 -7.07
CA SER B 225 -19.01 -22.18 -6.88
C SER B 225 -18.24 -21.91 -5.58
N VAL B 226 -18.89 -22.19 -4.45
CA VAL B 226 -18.30 -21.99 -3.10
C VAL B 226 -18.58 -23.18 -2.18
N ASP B 227 -17.71 -23.40 -1.19
CA ASP B 227 -17.93 -24.43 -0.17
C ASP B 227 -19.14 -24.00 0.67
N MET B 228 -20.31 -24.54 0.32
CA MET B 228 -21.58 -24.10 0.91
C MET B 228 -21.76 -24.51 2.38
N GLU B 229 -21.13 -25.60 2.79
CA GLU B 229 -21.18 -26.03 4.20
C GLU B 229 -20.44 -25.03 5.09
N LYS B 230 -19.36 -24.45 4.59
CA LYS B 230 -18.61 -23.41 5.30
C LYS B 230 -19.39 -22.11 5.49
N ILE B 231 -20.32 -21.81 4.57
CA ILE B 231 -21.23 -20.67 4.73
C ILE B 231 -22.25 -20.95 5.86
N LEU B 232 -22.75 -22.18 5.93
CA LEU B 232 -23.67 -22.58 7.01
C LEU B 232 -23.01 -22.53 8.41
N GLU B 233 -21.68 -22.66 8.47
CA GLU B 233 -20.95 -22.40 9.70
C GLU B 233 -21.07 -20.93 10.09
N ILE B 234 -20.86 -20.04 9.12
CA ILE B 234 -20.86 -18.59 9.35
C ILE B 234 -22.27 -18.10 9.72
N ILE B 235 -23.29 -18.61 9.02
CA ILE B 235 -24.68 -18.30 9.32
C ILE B 235 -25.02 -18.69 10.76
N ARG B 236 -24.65 -19.90 11.15
CA ARG B 236 -24.89 -20.39 12.52
C ARG B 236 -24.26 -19.47 13.59
N VAL B 237 -23.08 -18.94 13.30
CA VAL B 237 -22.43 -17.93 14.18
C VAL B 237 -23.24 -16.62 14.23
N ILE B 238 -23.76 -16.18 13.08
CA ILE B 238 -24.59 -14.96 13.00
C ILE B 238 -25.90 -15.11 13.77
N LEU B 239 -26.55 -16.26 13.64
CA LEU B 239 -27.79 -16.52 14.37
C LEU B 239 -27.54 -16.60 15.89
N LYS B 240 -26.47 -17.30 16.29
CA LYS B 240 -26.06 -17.39 17.70
C LYS B 240 -25.70 -16.03 18.30
N LEU B 241 -25.12 -15.16 17.47
CA LEU B 241 -24.76 -13.79 17.86
C LEU B 241 -25.96 -12.98 18.36
N TYR B 242 -27.04 -12.98 17.57
CA TYR B 242 -28.26 -12.24 17.93
C TYR B 242 -28.99 -12.79 19.15
N GLU B 243 -28.76 -14.07 19.46
CA GLU B 243 -29.27 -14.65 20.70
C GLU B 243 -28.47 -14.17 21.92
N GLN B 244 -27.15 -14.07 21.79
CA GLN B 244 -26.32 -13.51 22.87
C GLN B 244 -26.67 -12.03 23.09
N TRP B 245 -26.83 -11.28 22.00
CA TRP B 245 -27.28 -9.87 22.02
C TRP B 245 -28.51 -9.68 22.92
N LYS B 246 -29.55 -10.46 22.63
CA LYS B 246 -30.79 -10.50 23.41
C LYS B 246 -30.52 -10.68 24.90
N ASN B 247 -29.76 -11.71 25.23
CA ASN B 247 -29.48 -12.06 26.64
C ASN B 247 -28.40 -11.20 27.32
N PHE B 248 -27.65 -10.42 26.53
CA PHE B 248 -26.55 -9.61 27.06
C PHE B 248 -27.06 -8.20 27.31
N ASP B 249 -26.99 -7.76 28.57
CA ASP B 249 -27.20 -6.36 28.94
C ASP B 249 -25.82 -5.76 29.25
N GLU B 250 -25.23 -5.15 28.23
CA GLU B 250 -23.90 -4.55 28.28
C GLU B 250 -23.74 -3.57 29.44
N ARG B 251 -24.76 -2.73 29.61
CA ARG B 251 -24.71 -1.63 30.56
C ARG B 251 -24.76 -2.07 32.02
N LYS B 252 -25.50 -3.14 32.31
CA LYS B 252 -25.59 -3.68 33.67
C LYS B 252 -24.43 -4.60 34.07
N GLU B 253 -23.70 -5.14 33.08
CA GLU B 253 -22.71 -6.21 33.34
C GLU B 253 -21.24 -5.79 33.25
N MET B 254 -20.90 -4.85 32.38
CA MET B 254 -19.51 -4.64 31.95
C MET B 254 -18.53 -4.09 33.00
N ALA B 255 -19.04 -3.36 34.00
CA ALA B 255 -18.19 -2.90 35.12
C ALA B 255 -17.58 -4.09 35.86
N THR B 256 -18.43 -5.08 36.16
CA THR B 256 -18.02 -6.29 36.86
C THR B 256 -17.12 -7.19 36.01
N ILE B 257 -17.38 -7.26 34.69
CA ILE B 257 -16.53 -8.03 33.78
C ILE B 257 -15.16 -7.38 33.63
N LEU B 258 -15.13 -6.05 33.47
CA LEU B 258 -13.88 -5.30 33.37
C LEU B 258 -13.01 -5.38 34.63
N SER B 259 -13.62 -5.54 35.80
CA SER B 259 -12.86 -5.79 37.03
C SER B 259 -12.27 -7.20 37.06
N LYS B 260 -12.96 -8.17 36.47
CA LYS B 260 -12.46 -9.54 36.36
C LYS B 260 -11.31 -9.74 35.33
N MET B 261 -11.08 -8.75 34.46
CA MET B 261 -9.91 -8.79 33.55
C MET B 261 -8.60 -8.83 34.31
N PRO B 262 -7.59 -9.55 33.77
CA PRO B 262 -6.28 -9.57 34.43
C PRO B 262 -5.53 -8.27 34.19
N LYS B 263 -5.25 -7.53 35.27
CA LYS B 263 -4.58 -6.23 35.17
C LYS B 263 -3.07 -6.44 34.97
N PRO B 264 -2.37 -5.45 34.36
CA PRO B 264 -0.94 -5.63 34.07
C PRO B 264 -0.06 -5.56 35.31
N LYS B 265 1.00 -6.36 35.32
CA LYS B 265 2.01 -6.35 36.39
C LYS B 265 2.90 -5.12 36.23
N PRO B 266 2.95 -4.22 37.23
CA PRO B 266 3.92 -3.12 37.16
C PRO B 266 5.32 -3.62 37.51
N PRO B 267 6.37 -2.84 37.17
CA PRO B 267 7.75 -3.29 37.41
C PRO B 267 8.15 -3.26 38.89
N PRO B 268 9.20 -4.03 39.27
CA PRO B 268 9.73 -3.99 40.64
C PRO B 268 10.60 -2.75 40.88
#